data_6A4F
#
_entry.id   6A4F
#
_cell.length_a   59.285
_cell.length_b   59.285
_cell.length_c   234.160
_cell.angle_alpha   90.00
_cell.angle_beta   90.00
_cell.angle_gamma   120.00
#
_symmetry.space_group_name_H-M   'P 32 2 1'
#
loop_
_entity.id
_entity.type
_entity.pdbx_description
1 polymer Oligoribonuclease
2 non-polymer "URIDINE-5'-MONOPHOSPHATE"
3 non-polymer 'MANGANESE (II) ION'
4 water water
#
_entity_poly.entity_id   1
_entity_poly.type   'polypeptide(L)'
_entity_poly.pdbx_seq_one_letter_code
;HMMAGNDSNLIWLDLEMTGLEPVEDVILEIAIIITDSELNILAQGPIFAISQTDDVLDNMNPWCIEHHGKSGLTQRCRDS
EVSLAHATKESLAFVQEWVPQGKSPMCGNSIGQDRRFINKYMPDFEDHFHYRNLDVSTIKELAKRWKPEVLESVVKTGAH
LALDDIKESIAELKVYRELFFKL
;
_entity_poly.pdbx_strand_id   A,B
#
# COMPACT_ATOMS: atom_id res chain seq x y z
N HIS A 1 18.80 8.36 -21.29
CA HIS A 1 18.85 9.69 -20.57
C HIS A 1 17.99 10.80 -21.19
N MET A 2 17.59 10.63 -22.45
CA MET A 2 16.51 11.43 -23.06
C MET A 2 15.22 11.51 -22.24
N MET A 3 14.88 10.46 -21.50
CA MET A 3 13.57 10.40 -20.81
C MET A 3 13.59 11.03 -19.42
N ALA A 4 14.76 11.47 -18.98
CA ALA A 4 14.93 12.16 -17.70
C ALA A 4 13.95 13.31 -17.57
N GLY A 5 13.10 13.26 -16.54
CA GLY A 5 12.21 14.36 -16.20
C GLY A 5 10.79 14.17 -16.64
N ASN A 6 10.50 13.09 -17.37
CA ASN A 6 9.16 12.85 -17.96
C ASN A 6 8.18 12.57 -16.79
N ASP A 7 7.06 13.27 -16.81
CA ASP A 7 6.04 13.27 -15.75
C ASP A 7 5.58 11.89 -15.36
N SER A 8 5.71 10.92 -16.25
CA SER A 8 5.00 9.67 -16.13
C SER A 8 5.97 8.55 -15.86
N ASN A 9 7.22 8.91 -15.62
CA ASN A 9 8.24 7.97 -15.17
C ASN A 9 7.90 7.41 -13.78
N LEU A 10 8.23 6.12 -13.58
CA LEU A 10 7.94 5.39 -12.35
C LEU A 10 9.18 5.14 -11.56
N ILE A 11 9.16 5.51 -10.26
CA ILE A 11 10.22 5.09 -9.32
C ILE A 11 9.97 3.72 -8.65
N TRP A 12 10.84 2.75 -8.90
CA TRP A 12 10.70 1.43 -8.33
C TRP A 12 11.69 1.28 -7.22
N LEU A 13 11.25 0.73 -6.07
CA LEU A 13 12.19 0.41 -5.02
C LEU A 13 11.94 -0.83 -4.24
N ASP A 14 13.03 -1.37 -3.68
CA ASP A 14 12.99 -2.49 -2.75
C ASP A 14 14.02 -2.23 -1.64
N LEU A 15 13.62 -2.52 -0.39
CA LEU A 15 14.44 -2.44 0.80
C LEU A 15 14.57 -3.83 1.37
N GLU A 16 15.68 -4.07 2.08
CA GLU A 16 15.82 -5.17 3.03
C GLU A 16 15.96 -4.50 4.41
N MET A 17 15.54 -5.22 5.44
CA MET A 17 15.43 -4.68 6.77
C MET A 17 15.87 -5.76 7.77
N THR A 18 16.05 -5.36 9.01
CA THR A 18 16.27 -6.34 10.11
C THR A 18 15.00 -7.10 10.55
N GLY A 19 13.87 -6.87 9.91
CA GLY A 19 12.61 -7.44 10.36
C GLY A 19 11.42 -6.65 9.88
N LEU A 20 10.22 -7.10 10.27
CA LEU A 20 8.93 -6.66 9.71
C LEU A 20 8.29 -5.51 10.44
N GLU A 21 8.91 -5.07 11.53
CA GLU A 21 8.28 -4.06 12.38
C GLU A 21 9.17 -2.81 12.51
N PRO A 22 8.77 -1.73 11.82
CA PRO A 22 9.54 -0.49 11.79
C PRO A 22 9.90 0.05 13.15
N VAL A 23 8.94 0.00 14.07
CA VAL A 23 9.11 0.37 15.49
C VAL A 23 10.50 0.02 16.04
N GLU A 24 10.87 -1.25 15.90
CA GLU A 24 12.17 -1.78 16.34
C GLU A 24 13.22 -2.03 15.22
N ASP A 25 12.77 -2.28 14.00
CA ASP A 25 13.70 -2.71 12.93
C ASP A 25 14.15 -1.55 12.08
N VAL A 26 15.25 -1.78 11.39
CA VAL A 26 15.90 -0.73 10.57
C VAL A 26 16.19 -1.24 9.17
N ILE A 27 16.52 -0.29 8.29
CA ILE A 27 16.83 -0.55 6.90
C ILE A 27 18.29 -1.05 6.76
N LEU A 28 18.48 -2.16 6.08
CA LEU A 28 19.82 -2.64 5.74
C LEU A 28 20.25 -2.41 4.29
N GLU A 29 19.31 -2.29 3.33
CA GLU A 29 19.65 -2.09 1.92
C GLU A 29 18.52 -1.42 1.18
N ILE A 30 18.85 -0.64 0.18
CA ILE A 30 17.88 -0.04 -0.66
C ILE A 30 18.44 -0.11 -2.07
N ALA A 31 17.57 -0.47 -3.02
CA ALA A 31 17.86 -0.34 -4.45
C ALA A 31 16.70 0.37 -5.14
N ILE A 32 17.03 1.27 -6.08
CA ILE A 32 16.04 2.00 -6.84
C ILE A 32 16.27 1.82 -8.37
N ILE A 33 15.20 1.57 -9.13
CA ILE A 33 15.21 1.61 -10.60
C ILE A 33 14.13 2.58 -11.10
N ILE A 34 14.47 3.40 -12.07
CA ILE A 34 13.50 4.21 -12.83
C ILE A 34 13.10 3.53 -14.12
N THR A 35 11.80 3.43 -14.39
CA THR A 35 11.33 2.94 -15.69
C THR A 35 10.52 4.02 -16.36
N ASP A 36 10.36 3.97 -17.67
CA ASP A 36 9.31 4.88 -18.25
C ASP A 36 7.91 4.32 -17.92
N SER A 37 6.86 5.08 -18.29
CA SER A 37 5.49 4.61 -18.18
C SER A 37 5.21 3.18 -18.73
N GLU A 38 5.99 2.75 -19.73
CA GLU A 38 5.89 1.45 -20.38
C GLU A 38 6.73 0.35 -19.75
N LEU A 39 7.51 0.66 -18.71
CA LEU A 39 8.32 -0.35 -18.02
C LEU A 39 9.70 -0.70 -18.63
N ASN A 40 10.14 0.10 -19.58
CA ASN A 40 11.53 0.10 -20.06
C ASN A 40 12.42 0.67 -18.97
N ILE A 41 13.44 -0.05 -18.55
CA ILE A 41 14.31 0.40 -17.48
C ILE A 41 15.11 1.57 -17.99
N LEU A 42 15.02 2.74 -17.33
CA LEU A 42 15.76 3.96 -17.75
C LEU A 42 17.04 4.22 -17.02
N ALA A 43 17.05 4.01 -15.71
CA ALA A 43 18.27 4.17 -14.89
C ALA A 43 18.22 3.30 -13.69
N GLN A 44 19.38 2.86 -13.27
CA GLN A 44 19.58 2.19 -12.02
C GLN A 44 20.27 3.12 -11.07
N GLY A 45 19.61 3.37 -9.94
CA GLY A 45 20.17 4.16 -8.88
C GLY A 45 21.26 3.46 -8.16
N PRO A 46 22.01 4.20 -7.35
CA PRO A 46 23.09 3.59 -6.55
C PRO A 46 22.50 2.67 -5.47
N ILE A 47 23.10 1.49 -5.32
CA ILE A 47 22.61 0.49 -4.36
C ILE A 47 23.34 0.79 -3.07
N PHE A 48 22.69 0.67 -1.93
CA PHE A 48 23.42 0.88 -0.68
C PHE A 48 23.11 -0.22 0.27
N ALA A 49 24.18 -0.77 0.84
CA ALA A 49 24.06 -1.58 1.99
C ALA A 49 24.38 -0.56 3.10
N ILE A 50 23.45 -0.46 4.04
CA ILE A 50 23.47 0.55 5.08
C ILE A 50 24.35 0.01 6.23
N SER A 51 25.28 0.83 6.72
CA SER A 51 26.17 0.39 7.81
C SER A 51 25.37 0.16 9.09
N GLN A 52 25.59 -0.99 9.68
CA GLN A 52 25.04 -1.28 10.96
C GLN A 52 26.14 -1.89 11.80
N THR A 53 26.02 -1.72 13.10
CA THR A 53 26.90 -2.37 14.08
C THR A 53 26.72 -3.90 14.13
N ASP A 54 27.79 -4.63 14.55
CA ASP A 54 27.66 -6.03 15.03
C ASP A 54 26.48 -6.25 16.04
N ASP A 55 26.22 -5.28 16.90
CA ASP A 55 25.05 -5.35 17.77
C ASP A 55 23.72 -5.46 17.02
N VAL A 56 23.52 -4.64 16.00
CA VAL A 56 22.29 -4.76 15.22
C VAL A 56 22.26 -6.07 14.39
N LEU A 57 23.35 -6.36 13.68
CA LEU A 57 23.38 -7.48 12.74
C LEU A 57 23.19 -8.84 13.44
N ASP A 58 23.81 -9.01 14.60
CA ASP A 58 23.73 -10.28 15.35
C ASP A 58 22.36 -10.51 16.00
N ASN A 59 21.53 -9.47 16.21
CA ASN A 59 20.23 -9.62 16.94
C ASN A 59 18.96 -9.25 16.17
N MET A 60 19.02 -9.21 14.85
CA MET A 60 17.81 -9.15 14.03
C MET A 60 17.05 -10.50 14.05
N ASN A 61 15.86 -10.54 13.47
CA ASN A 61 15.02 -11.73 13.60
C ASN A 61 15.70 -12.95 12.89
N PRO A 62 15.38 -14.19 13.32
CA PRO A 62 16.19 -15.34 12.82
C PRO A 62 16.05 -15.59 11.30
N TRP A 63 14.88 -15.31 10.71
CA TRP A 63 14.78 -15.29 9.20
C TRP A 63 15.94 -14.48 8.58
N CYS A 64 16.16 -13.29 9.13
CA CYS A 64 17.15 -12.37 8.61
C CYS A 64 18.54 -12.86 8.84
N ILE A 65 18.82 -13.39 10.03
CA ILE A 65 20.19 -13.83 10.36
C ILE A 65 20.61 -14.85 9.33
N GLU A 66 19.68 -15.76 9.00
CA GLU A 66 19.90 -16.79 7.97
C GLU A 66 19.98 -16.31 6.51
N HIS A 67 18.96 -15.59 6.05
CA HIS A 67 18.93 -15.18 4.62
C HIS A 67 19.83 -14.03 4.32
N HIS A 68 19.97 -13.06 5.24
CA HIS A 68 20.99 -12.02 5.03
C HIS A 68 22.43 -12.55 5.22
N GLY A 69 22.54 -13.54 6.14
CA GLY A 69 23.77 -14.32 6.29
C GLY A 69 24.16 -14.93 4.97
N LYS A 70 23.32 -15.87 4.52
CA LYS A 70 23.39 -16.51 3.19
C LYS A 70 23.75 -15.60 2.01
N SER A 71 23.12 -14.44 1.95
CA SER A 71 23.17 -13.62 0.74
C SER A 71 24.41 -12.73 0.63
N GLY A 72 25.22 -12.60 1.68
CA GLY A 72 26.34 -11.61 1.66
C GLY A 72 25.93 -10.18 1.98
N LEU A 73 24.72 -10.04 2.53
CA LEU A 73 24.21 -8.74 2.89
C LEU A 73 24.69 -8.37 4.28
N THR A 74 24.46 -9.25 5.24
CA THR A 74 24.99 -9.11 6.60
C THR A 74 26.45 -8.67 6.55
N GLN A 75 27.24 -9.24 5.64
CA GLN A 75 28.66 -8.90 5.55
C GLN A 75 28.87 -7.58 4.83
N ARG A 76 28.14 -7.33 3.74
CA ARG A 76 28.17 -5.99 3.12
C ARG A 76 27.80 -4.86 4.14
N CYS A 77 26.82 -5.11 5.01
CA CYS A 77 26.50 -4.14 6.05
C CYS A 77 27.63 -3.97 7.09
N ARG A 78 28.37 -5.04 7.44
CA ARG A 78 29.56 -4.91 8.33
C ARG A 78 30.66 -4.02 7.77
N ASP A 79 30.93 -4.14 6.47
CA ASP A 79 32.03 -3.46 5.83
C ASP A 79 31.64 -2.06 5.41
N SER A 80 30.34 -1.83 5.27
CA SER A 80 29.83 -0.53 4.86
C SER A 80 30.08 0.53 5.92
N GLU A 81 30.29 1.76 5.43
CA GLU A 81 30.40 2.96 6.20
C GLU A 81 29.28 3.92 5.85
N VAL A 82 28.32 3.44 5.07
CA VAL A 82 27.20 4.22 4.59
C VAL A 82 26.15 4.47 5.65
N SER A 83 25.92 5.74 5.93
CA SER A 83 24.86 6.09 6.87
C SER A 83 23.61 6.22 6.10
N LEU A 84 22.52 6.05 6.80
CA LEU A 84 21.23 6.19 6.24
C LEU A 84 21.01 7.61 5.72
N ALA A 85 21.57 8.59 6.44
CA ALA A 85 21.60 9.97 5.98
C ALA A 85 22.15 10.17 4.55
N HIS A 86 23.30 9.57 4.26
CA HIS A 86 23.94 9.66 2.93
C HIS A 86 23.10 8.93 1.90
N ALA A 87 22.74 7.70 2.19
CA ALA A 87 21.85 6.93 1.31
C ALA A 87 20.60 7.76 0.98
N THR A 88 20.03 8.43 1.96
CA THR A 88 18.83 9.21 1.73
C THR A 88 19.09 10.36 0.76
N LYS A 89 20.08 11.19 1.08
CA LYS A 89 20.45 12.35 0.26
C LYS A 89 20.75 11.94 -1.20
N GLU A 90 21.56 10.88 -1.38
CA GLU A 90 21.94 10.39 -2.70
C GLU A 90 20.71 9.88 -3.47
N SER A 91 19.83 9.15 -2.78
CA SER A 91 18.68 8.53 -3.42
C SER A 91 17.67 9.61 -3.85
N LEU A 92 17.53 10.62 -3.03
CA LEU A 92 16.69 11.76 -3.36
C LEU A 92 17.23 12.47 -4.63
N ALA A 93 18.52 12.72 -4.65
CA ALA A 93 19.15 13.45 -5.77
C ALA A 93 19.01 12.63 -7.04
N PHE A 94 19.24 11.32 -6.95
CA PHE A 94 19.00 10.45 -8.12
C PHE A 94 17.56 10.52 -8.68
N VAL A 95 16.60 10.35 -7.81
CA VAL A 95 15.20 10.35 -8.22
C VAL A 95 14.72 11.75 -8.75
N GLN A 96 15.30 12.85 -8.21
CA GLN A 96 15.00 14.21 -8.64
C GLN A 96 15.48 14.47 -10.05
N GLU A 97 16.62 13.88 -10.37
CA GLU A 97 17.10 13.90 -11.72
C GLU A 97 16.17 13.26 -12.78
N TRP A 98 15.31 12.31 -12.40
CA TRP A 98 14.51 11.53 -13.37
C TRP A 98 12.99 11.74 -13.38
N VAL A 99 12.42 12.25 -12.28
CA VAL A 99 10.99 12.44 -12.17
C VAL A 99 10.75 13.66 -11.33
N PRO A 100 9.76 14.49 -11.73
CA PRO A 100 9.39 15.60 -10.90
C PRO A 100 8.72 15.14 -9.62
N GLN A 101 8.96 15.92 -8.59
CA GLN A 101 8.43 15.71 -7.27
C GLN A 101 6.91 15.50 -7.38
N GLY A 102 6.39 14.55 -6.62
CA GLY A 102 4.94 14.42 -6.49
C GLY A 102 4.28 13.66 -7.61
N LYS A 103 5.04 13.12 -8.57
CA LYS A 103 4.43 12.51 -9.76
C LYS A 103 4.33 11.02 -9.69
N SER A 104 5.42 10.40 -9.26
CA SER A 104 5.46 8.97 -9.28
C SER A 104 4.91 8.41 -7.95
N PRO A 105 4.05 7.37 -8.04
CA PRO A 105 3.86 6.54 -6.89
C PRO A 105 5.12 5.80 -6.59
N MET A 106 5.09 5.13 -5.45
CA MET A 106 6.16 4.25 -5.02
C MET A 106 5.82 2.87 -5.51
N CYS A 107 6.71 2.25 -6.29
CA CYS A 107 6.35 1.07 -7.05
C CYS A 107 7.16 -0.12 -6.54
N GLY A 108 6.49 -1.28 -6.38
CA GLY A 108 7.12 -2.59 -6.09
C GLY A 108 6.10 -3.61 -5.59
N ASN A 109 6.52 -4.74 -5.06
CA ASN A 109 5.62 -5.76 -4.50
C ASN A 109 5.41 -5.45 -3.01
N SER A 110 4.19 -5.39 -2.54
CA SER A 110 3.89 -5.08 -1.12
C SER A 110 4.70 -3.87 -0.68
N ILE A 111 4.58 -2.83 -1.48
CA ILE A 111 5.41 -1.62 -1.38
C ILE A 111 5.00 -0.72 -0.21
N GLY A 112 3.74 -0.81 0.18
CA GLY A 112 3.23 -0.16 1.41
C GLY A 112 4.06 -0.46 2.63
N GLN A 113 4.58 -1.69 2.72
CA GLN A 113 5.44 -2.10 3.80
C GLN A 113 6.78 -1.37 3.74
N ASP A 114 7.37 -1.21 2.54
CA ASP A 114 8.66 -0.48 2.44
C ASP A 114 8.40 0.99 2.71
N ARG A 115 7.27 1.50 2.26
CA ARG A 115 6.89 2.86 2.61
C ARG A 115 6.85 3.16 4.10
N ARG A 116 6.54 2.15 4.91
CA ARG A 116 6.49 2.34 6.37
C ARG A 116 7.85 2.68 6.88
N PHE A 117 8.87 1.94 6.43
CA PHE A 117 10.27 2.23 6.76
C PHE A 117 10.79 3.60 6.20
N ILE A 118 10.50 3.87 4.94
CA ILE A 118 10.92 5.12 4.29
C ILE A 118 10.30 6.31 5.05
N ASN A 119 9.02 6.23 5.36
CA ASN A 119 8.30 7.27 6.09
C ASN A 119 8.94 7.58 7.42
N LYS A 120 9.32 6.54 8.16
CA LYS A 120 9.88 6.72 9.53
C LYS A 120 11.33 7.17 9.46
N TYR A 121 12.11 6.50 8.62
CA TYR A 121 13.58 6.63 8.51
C TYR A 121 14.20 7.55 7.42
N MET A 122 13.48 7.79 6.31
CA MET A 122 13.91 8.62 5.14
C MET A 122 12.76 9.58 4.68
N PRO A 123 12.21 10.35 5.62
CA PRO A 123 11.07 11.22 5.30
C PRO A 123 11.29 12.19 4.12
N ASP A 124 12.48 12.74 3.99
CA ASP A 124 12.79 13.65 2.89
C ASP A 124 12.66 12.97 1.53
N PHE A 125 13.09 11.71 1.49
CA PHE A 125 13.02 10.89 0.29
C PHE A 125 11.58 10.58 -0.02
N GLU A 126 10.80 10.22 1.00
CA GLU A 126 9.39 9.92 0.77
C GLU A 126 8.69 11.10 0.13
N ASP A 127 9.10 12.29 0.52
CA ASP A 127 8.44 13.52 0.06
C ASP A 127 8.50 13.70 -1.45
N HIS A 128 9.45 13.02 -2.10
CA HIS A 128 9.49 13.01 -3.55
C HIS A 128 8.32 12.33 -4.25
N PHE A 129 7.74 11.33 -3.62
CA PHE A 129 6.73 10.52 -4.27
C PHE A 129 5.37 11.14 -4.13
N HIS A 130 4.52 10.91 -5.12
CA HIS A 130 3.08 10.97 -4.98
C HIS A 130 2.68 10.14 -3.77
N TYR A 131 1.57 10.47 -3.15
CA TYR A 131 1.12 9.70 -1.99
C TYR A 131 0.70 8.28 -2.30
N ARG A 132 0.39 8.00 -3.58
CA ARG A 132 -0.06 6.69 -3.97
C ARG A 132 1.08 5.64 -4.11
N ASN A 133 0.66 4.38 -4.13
CA ASN A 133 1.55 3.23 -4.25
C ASN A 133 1.15 2.53 -5.50
N LEU A 134 2.13 2.00 -6.22
CA LEU A 134 1.86 1.14 -7.34
C LEU A 134 2.40 -0.24 -6.95
N ASP A 135 1.52 -1.01 -6.36
CA ASP A 135 1.76 -2.32 -5.78
C ASP A 135 1.50 -3.47 -6.73
N VAL A 136 2.55 -4.11 -7.20
CA VAL A 136 2.42 -5.22 -8.14
C VAL A 136 1.67 -6.41 -7.51
N SER A 137 1.76 -6.51 -6.20
CA SER A 137 1.04 -7.60 -5.47
C SER A 137 -0.48 -7.42 -5.41
N THR A 138 -0.96 -6.19 -5.60
CA THR A 138 -2.34 -5.97 -5.84
C THR A 138 -2.76 -6.71 -7.11
N ILE A 139 -2.00 -6.56 -8.19
CA ILE A 139 -2.35 -7.21 -9.44
C ILE A 139 -2.16 -8.71 -9.35
N LYS A 140 -1.12 -9.14 -8.64
CA LYS A 140 -0.97 -10.61 -8.33
C LYS A 140 -2.24 -11.20 -7.60
N GLU A 141 -2.79 -10.41 -6.67
CA GLU A 141 -3.98 -10.87 -5.95
C GLU A 141 -5.19 -10.95 -6.87
N LEU A 142 -5.35 -9.94 -7.75
CA LEU A 142 -6.38 -9.99 -8.77
C LEU A 142 -6.15 -11.17 -9.76
N ALA A 143 -4.92 -11.39 -10.20
CA ALA A 143 -4.67 -12.50 -11.13
C ALA A 143 -5.04 -13.83 -10.44
N LYS A 144 -4.69 -13.98 -9.15
CA LYS A 144 -5.03 -15.19 -8.40
C LYS A 144 -6.52 -15.52 -8.50
N ARG A 145 -7.35 -14.49 -8.53
CA ARG A 145 -8.79 -14.69 -8.47
C ARG A 145 -9.44 -14.70 -9.81
N TRP A 146 -8.89 -13.94 -10.76
CA TRP A 146 -9.53 -13.72 -12.02
C TRP A 146 -8.92 -14.43 -13.19
N LYS A 147 -7.62 -14.67 -13.19
CA LYS A 147 -6.91 -15.33 -14.32
C LYS A 147 -5.66 -16.01 -13.78
N PRO A 148 -5.86 -17.00 -12.93
CA PRO A 148 -4.71 -17.51 -12.17
C PRO A 148 -3.63 -18.10 -13.08
N GLU A 149 -4.01 -18.53 -14.27
CA GLU A 149 -3.00 -19.10 -15.19
C GLU A 149 -1.86 -18.17 -15.62
N VAL A 150 -2.12 -16.88 -15.58
CA VAL A 150 -1.13 -15.88 -15.86
C VAL A 150 0.09 -16.06 -14.94
N LEU A 151 -0.15 -16.48 -13.70
CA LEU A 151 0.94 -16.64 -12.76
C LEU A 151 1.96 -17.69 -13.22
N GLU A 152 1.61 -18.60 -14.14
CA GLU A 152 2.64 -19.52 -14.70
C GLU A 152 3.77 -18.82 -15.38
N SER A 153 3.46 -17.69 -16.04
CA SER A 153 4.48 -16.88 -16.70
C SER A 153 5.25 -15.94 -15.78
N VAL A 154 4.84 -15.82 -14.53
CA VAL A 154 5.52 -14.92 -13.65
C VAL A 154 6.73 -15.68 -13.11
N VAL A 155 7.90 -15.02 -13.15
CA VAL A 155 9.17 -15.61 -12.74
C VAL A 155 9.51 -15.11 -11.35
N LYS A 156 9.97 -16.00 -10.51
CA LYS A 156 9.91 -15.83 -9.07
C LYS A 156 11.25 -15.54 -8.41
N THR A 157 12.30 -16.29 -8.70
CA THR A 157 13.65 -16.11 -8.11
C THR A 157 13.73 -16.12 -6.56
N GLY A 158 14.70 -16.82 -6.01
CA GLY A 158 14.90 -16.88 -4.55
C GLY A 158 15.57 -15.68 -3.87
N ALA A 159 16.31 -14.86 -4.63
CA ALA A 159 17.12 -13.75 -4.09
C ALA A 159 16.26 -12.83 -3.26
N HIS A 160 16.79 -12.42 -2.11
CA HIS A 160 16.14 -11.43 -1.24
C HIS A 160 17.19 -10.30 -1.05
N LEU A 161 17.64 -9.77 -2.19
CA LEU A 161 18.51 -8.63 -2.33
C LEU A 161 17.77 -7.55 -3.15
N ALA A 162 17.81 -6.32 -2.67
CA ALA A 162 16.95 -5.25 -3.15
C ALA A 162 16.89 -5.15 -4.66
N LEU A 163 18.08 -5.19 -5.28
CA LEU A 163 18.15 -5.02 -6.72
C LEU A 163 17.49 -6.12 -7.51
N ASP A 164 17.82 -7.34 -7.15
CA ASP A 164 17.21 -8.50 -7.71
C ASP A 164 15.68 -8.53 -7.44
N ASP A 165 15.28 -8.11 -6.24
CA ASP A 165 13.84 -8.13 -5.89
C ASP A 165 13.11 -7.09 -6.74
N ILE A 166 13.64 -5.86 -6.88
CA ILE A 166 12.96 -4.91 -7.79
C ILE A 166 12.94 -5.23 -9.25
N LYS A 167 14.01 -5.78 -9.82
CA LYS A 167 13.99 -6.21 -11.25
C LYS A 167 12.92 -7.27 -11.43
N GLU A 168 12.77 -8.13 -10.42
CA GLU A 168 11.73 -9.12 -10.49
C GLU A 168 10.28 -8.56 -10.45
N SER A 169 10.04 -7.52 -9.64
CA SER A 169 8.78 -6.77 -9.62
C SER A 169 8.39 -6.16 -11.00
N ILE A 170 9.38 -5.51 -11.60
CA ILE A 170 9.23 -4.89 -12.91
C ILE A 170 8.90 -5.93 -13.90
N ALA A 171 9.60 -7.05 -13.87
CA ALA A 171 9.35 -8.12 -14.84
C ALA A 171 7.99 -8.76 -14.62
N GLU A 172 7.59 -8.98 -13.35
CA GLU A 172 6.22 -9.49 -13.05
C GLU A 172 5.15 -8.55 -13.65
N LEU A 173 5.34 -7.25 -13.48
CA LEU A 173 4.37 -6.30 -14.03
C LEU A 173 4.36 -6.35 -15.57
N LYS A 174 5.53 -6.55 -16.18
CA LYS A 174 5.59 -6.72 -17.66
C LYS A 174 4.81 -7.93 -18.10
N VAL A 175 4.87 -9.03 -17.31
CA VAL A 175 4.08 -10.18 -17.65
C VAL A 175 2.60 -9.83 -17.58
N TYR A 176 2.15 -9.12 -16.54
CA TYR A 176 0.70 -8.77 -16.48
C TYR A 176 0.32 -7.81 -17.58
N ARG A 177 1.18 -6.85 -17.87
CA ARG A 177 0.89 -5.92 -18.92
C ARG A 177 0.49 -6.65 -20.21
N GLU A 178 1.21 -7.72 -20.56
CA GLU A 178 0.96 -8.49 -21.75
C GLU A 178 -0.23 -9.46 -21.67
N LEU A 179 -0.35 -10.16 -20.57
CA LEU A 179 -1.29 -11.29 -20.43
C LEU A 179 -2.61 -10.95 -19.72
N PHE A 180 -2.63 -9.89 -18.93
CA PHE A 180 -3.74 -9.63 -18.02
C PHE A 180 -4.42 -8.29 -18.26
N PHE A 181 -3.73 -7.34 -18.83
CA PHE A 181 -4.37 -6.10 -19.17
C PHE A 181 -4.73 -6.09 -20.64
N LYS A 182 -5.75 -5.32 -20.94
CA LYS A 182 -6.32 -5.21 -22.25
C LYS A 182 -5.95 -3.82 -22.67
N LEU A 183 -4.83 -3.68 -23.36
CA LEU A 183 -4.30 -2.37 -23.73
C LEU A 183 -4.81 -1.93 -25.09
N HIS B 1 -25.08 -19.09 5.24
CA HIS B 1 -24.84 -18.49 3.87
C HIS B 1 -23.81 -19.32 3.15
N MET B 2 -24.14 -19.81 1.95
CA MET B 2 -23.30 -20.76 1.20
C MET B 2 -21.96 -20.14 0.80
N MET B 3 -21.96 -18.83 0.55
CA MET B 3 -20.76 -18.07 0.24
C MET B 3 -19.85 -17.77 1.44
N ALA B 4 -20.40 -17.72 2.66
CA ALA B 4 -19.65 -17.36 3.86
C ALA B 4 -18.59 -18.39 4.15
N GLY B 5 -17.35 -17.92 4.31
CA GLY B 5 -16.20 -18.78 4.49
C GLY B 5 -15.52 -19.13 3.17
N ASN B 6 -16.08 -18.69 2.05
CA ASN B 6 -15.37 -18.82 0.74
C ASN B 6 -13.93 -18.22 0.83
N ASP B 7 -12.88 -19.01 0.55
CA ASP B 7 -11.47 -18.52 0.64
C ASP B 7 -11.16 -17.20 -0.14
N SER B 8 -11.96 -16.86 -1.16
CA SER B 8 -11.59 -15.82 -2.15
C SER B 8 -12.37 -14.52 -1.99
N ASN B 9 -13.22 -14.47 -0.96
CA ASN B 9 -13.97 -13.25 -0.67
C ASN B 9 -13.01 -12.16 -0.20
N LEU B 10 -13.42 -10.92 -0.41
CA LEU B 10 -12.56 -9.76 -0.17
C LEU B 10 -13.17 -8.82 0.86
N ILE B 11 -12.36 -8.40 1.84
CA ILE B 11 -12.74 -7.34 2.77
C ILE B 11 -12.27 -5.99 2.28
N TRP B 12 -13.24 -5.15 1.97
CA TRP B 12 -13.02 -3.78 1.62
C TRP B 12 -13.27 -2.83 2.82
N LEU B 13 -12.40 -1.84 2.99
CA LEU B 13 -12.65 -0.80 3.99
C LEU B 13 -12.11 0.57 3.65
N ASP B 14 -12.82 1.60 4.11
CA ASP B 14 -12.34 2.98 4.23
C ASP B 14 -12.40 3.46 5.68
N LEU B 15 -11.49 4.38 6.00
CA LEU B 15 -11.55 5.15 7.23
C LEU B 15 -11.59 6.61 6.87
N GLU B 16 -12.22 7.39 7.76
CA GLU B 16 -11.92 8.83 7.87
C GLU B 16 -11.13 9.05 9.17
N MET B 17 -10.39 10.15 9.18
CA MET B 17 -9.45 10.46 10.26
C MET B 17 -9.44 11.96 10.56
N THR B 18 -8.71 12.36 11.60
CA THR B 18 -8.44 13.79 11.90
C THR B 18 -7.30 14.38 11.02
N GLY B 19 -6.53 13.49 10.38
CA GLY B 19 -5.41 13.85 9.48
C GLY B 19 -4.61 12.65 8.93
N LEU B 20 -3.45 12.98 8.37
CA LEU B 20 -2.63 12.04 7.58
C LEU B 20 -1.56 11.26 8.36
N GLU B 21 -1.22 11.66 9.59
CA GLU B 21 -0.11 11.02 10.33
C GLU B 21 -0.67 10.35 11.59
N PRO B 22 -0.56 8.99 11.71
CA PRO B 22 -1.05 8.21 12.88
C PRO B 22 -0.53 8.66 14.24
N VAL B 23 0.76 9.02 14.30
CA VAL B 23 1.38 9.55 15.52
C VAL B 23 0.48 10.59 16.21
N GLU B 24 0.00 11.57 15.42
CA GLU B 24 -0.93 12.58 15.88
C GLU B 24 -2.39 12.12 15.82
N ASP B 25 -2.81 11.64 14.65
CA ASP B 25 -4.24 11.59 14.29
C ASP B 25 -5.01 10.34 14.68
N VAL B 26 -6.35 10.43 14.61
CA VAL B 26 -7.22 9.33 15.06
C VAL B 26 -8.32 9.07 14.06
N ILE B 27 -8.88 7.87 14.20
CA ILE B 27 -9.95 7.36 13.34
C ILE B 27 -11.30 8.00 13.75
N LEU B 28 -11.97 8.67 12.81
CA LEU B 28 -13.30 9.23 13.06
C LEU B 28 -14.39 8.27 12.58
N GLU B 29 -14.36 7.85 11.31
CA GLU B 29 -15.38 6.94 10.74
C GLU B 29 -14.72 5.65 10.21
N ILE B 30 -15.47 4.57 10.19
CA ILE B 30 -15.02 3.33 9.56
C ILE B 30 -16.21 2.60 8.92
N ALA B 31 -16.01 2.09 7.69
CA ALA B 31 -16.99 1.20 7.01
C ALA B 31 -16.31 0.02 6.31
N ILE B 32 -17.05 -1.08 6.27
CA ILE B 32 -16.64 -2.33 5.69
C ILE B 32 -17.72 -2.76 4.69
N ILE B 33 -17.30 -3.58 3.73
CA ILE B 33 -18.13 -4.28 2.77
C ILE B 33 -17.36 -5.57 2.47
N ILE B 34 -18.07 -6.66 2.24
CA ILE B 34 -17.50 -7.93 1.81
C ILE B 34 -18.00 -8.11 0.38
N THR B 35 -17.13 -8.64 -0.49
CA THR B 35 -17.51 -8.98 -1.87
C THR B 35 -17.01 -10.34 -2.11
N ASP B 36 -17.57 -11.00 -3.13
CA ASP B 36 -16.98 -12.24 -3.64
C ASP B 36 -15.77 -11.92 -4.55
N SER B 37 -15.05 -12.95 -5.00
CA SER B 37 -13.91 -12.74 -5.92
C SER B 37 -14.28 -11.96 -7.19
N GLU B 38 -15.53 -12.03 -7.64
CA GLU B 38 -16.01 -11.32 -8.84
C GLU B 38 -16.58 -9.92 -8.58
N LEU B 39 -16.48 -9.45 -7.33
CA LEU B 39 -16.86 -8.07 -6.87
C LEU B 39 -18.36 -7.87 -6.59
N ASN B 40 -19.10 -8.96 -6.48
CA ASN B 40 -20.52 -8.84 -6.06
C ASN B 40 -20.62 -8.54 -4.55
N ILE B 41 -21.24 -7.42 -4.18
CA ILE B 41 -21.43 -7.10 -2.76
C ILE B 41 -22.19 -8.21 -2.06
N LEU B 42 -21.53 -8.90 -1.15
CA LEU B 42 -22.11 -10.00 -0.42
C LEU B 42 -22.78 -9.60 0.88
N ALA B 43 -22.14 -8.69 1.60
CA ALA B 43 -22.62 -8.28 2.92
C ALA B 43 -21.90 -7.04 3.38
N GLN B 44 -22.57 -6.31 4.26
CA GLN B 44 -22.04 -5.12 4.91
C GLN B 44 -21.70 -5.45 6.37
N GLY B 45 -20.70 -4.76 6.89
CA GLY B 45 -20.51 -4.67 8.33
C GLY B 45 -20.95 -3.31 8.82
N PRO B 46 -20.59 -3.00 10.08
CA PRO B 46 -21.02 -1.77 10.72
C PRO B 46 -20.29 -0.53 10.20
N ILE B 47 -21.00 0.59 10.19
CA ILE B 47 -20.49 1.90 9.87
C ILE B 47 -20.44 2.67 11.20
N PHE B 48 -19.28 2.67 11.86
CA PHE B 48 -19.06 3.46 13.09
C PHE B 48 -18.36 4.79 12.83
N ALA B 49 -19.04 5.88 13.19
CA ALA B 49 -18.34 7.12 13.59
C ALA B 49 -17.91 6.97 15.07
N ILE B 50 -16.68 7.37 15.38
CA ILE B 50 -16.08 7.15 16.70
C ILE B 50 -16.22 8.41 17.53
N SER B 51 -16.44 8.18 18.84
CA SER B 51 -16.54 9.24 19.83
C SER B 51 -15.17 9.94 19.98
N GLN B 52 -15.16 11.25 19.72
CA GLN B 52 -13.94 12.06 19.82
C GLN B 52 -14.31 13.41 20.46
N THR B 53 -13.58 13.81 21.50
CA THR B 53 -13.89 15.05 22.27
C THR B 53 -13.78 16.30 21.41
N ASP B 54 -14.35 17.41 21.87
CA ASP B 54 -14.28 18.68 21.10
C ASP B 54 -12.85 19.25 20.92
N ASP B 55 -11.94 18.96 21.84
CA ASP B 55 -10.53 19.37 21.71
C ASP B 55 -9.88 18.70 20.47
N VAL B 56 -10.12 17.39 20.36
CA VAL B 56 -9.68 16.59 19.21
C VAL B 56 -10.40 17.04 17.94
N LEU B 57 -11.72 17.17 18.02
CA LEU B 57 -12.52 17.61 16.87
C LEU B 57 -12.28 19.06 16.45
N ASP B 58 -11.86 19.90 17.41
CA ASP B 58 -11.46 21.25 17.06
C ASP B 58 -10.02 21.30 16.54
N ASN B 59 -9.13 20.41 17.00
CA ASN B 59 -7.75 20.36 16.46
C ASN B 59 -7.54 19.20 15.44
N MET B 60 -8.24 19.33 14.31
CA MET B 60 -7.90 18.62 13.08
C MET B 60 -7.21 19.60 12.12
N ASN B 61 -6.74 19.13 10.97
CA ASN B 61 -6.18 20.02 9.94
C ASN B 61 -7.30 20.88 9.26
N PRO B 62 -6.93 21.99 8.55
CA PRO B 62 -7.96 22.86 7.97
C PRO B 62 -8.81 22.19 6.88
N TRP B 63 -8.22 21.24 6.14
CA TRP B 63 -8.99 20.38 5.25
C TRP B 63 -10.05 19.61 6.07
N CYS B 64 -9.63 18.96 7.17
CA CYS B 64 -10.50 18.07 7.96
C CYS B 64 -11.74 18.72 8.62
N ILE B 65 -11.58 19.81 9.38
CA ILE B 65 -12.76 20.49 9.99
C ILE B 65 -13.68 21.14 8.94
N GLU B 66 -13.12 21.58 7.80
CA GLU B 66 -13.96 22.12 6.72
C GLU B 66 -14.81 21.05 6.00
N HIS B 67 -14.24 19.89 5.69
CA HIS B 67 -14.96 18.79 4.97
C HIS B 67 -15.76 17.85 5.86
N HIS B 68 -15.23 17.51 7.03
CA HIS B 68 -15.99 16.71 8.02
C HIS B 68 -17.08 17.56 8.74
N GLY B 69 -16.90 18.88 8.75
CA GLY B 69 -17.99 19.83 9.04
C GLY B 69 -19.13 19.72 8.04
N LYS B 70 -18.95 20.29 6.82
CA LYS B 70 -20.00 20.22 5.76
C LYS B 70 -20.17 18.80 5.14
N SER B 71 -20.80 17.93 5.93
CA SER B 71 -21.06 16.50 5.69
C SER B 71 -21.20 15.87 7.08
N GLY B 72 -22.25 16.26 7.81
CA GLY B 72 -22.37 16.06 9.25
C GLY B 72 -21.60 14.90 9.82
N LEU B 73 -20.28 15.03 9.89
CA LEU B 73 -19.42 13.96 10.38
C LEU B 73 -18.91 14.31 11.75
N THR B 74 -18.21 15.43 11.85
CA THR B 74 -17.74 15.87 13.17
C THR B 74 -18.90 15.91 14.17
N GLN B 75 -20.07 16.36 13.73
CA GLN B 75 -21.29 16.28 14.55
C GLN B 75 -21.70 14.82 14.90
N ARG B 76 -21.52 13.90 13.96
CA ARG B 76 -21.78 12.46 14.23
C ARG B 76 -20.80 11.88 15.27
N CYS B 77 -19.57 12.40 15.30
CA CYS B 77 -18.53 11.97 16.26
C CYS B 77 -18.82 12.46 17.67
N ARG B 78 -19.19 13.74 17.79
CA ARG B 78 -19.69 14.30 19.07
C ARG B 78 -20.86 13.47 19.57
N ASP B 79 -21.88 13.35 18.74
CA ASP B 79 -23.15 12.69 19.12
C ASP B 79 -23.02 11.17 19.26
N SER B 80 -21.96 10.59 18.69
CA SER B 80 -21.62 9.17 18.90
C SER B 80 -21.25 8.83 20.35
N GLU B 81 -21.65 7.62 20.77
CA GLU B 81 -21.17 7.00 22.01
C GLU B 81 -20.30 5.75 21.72
N VAL B 82 -19.93 5.54 20.45
CA VAL B 82 -19.18 4.34 20.04
C VAL B 82 -17.70 4.49 20.42
N SER B 83 -17.14 3.48 21.10
CA SER B 83 -15.72 3.46 21.42
C SER B 83 -14.92 2.84 20.27
N LEU B 84 -13.62 3.12 20.25
CA LEU B 84 -12.70 2.50 19.27
C LEU B 84 -12.53 1.00 19.50
N ALA B 85 -12.54 0.55 20.75
CA ALA B 85 -12.45 -0.90 21.04
C ALA B 85 -13.75 -1.65 20.77
N HIS B 86 -14.86 -0.90 20.71
CA HIS B 86 -16.19 -1.41 20.38
C HIS B 86 -16.45 -1.41 18.85
N ALA B 87 -15.96 -0.38 18.16
CA ALA B 87 -15.90 -0.41 16.69
C ALA B 87 -15.04 -1.58 16.24
N THR B 88 -13.90 -1.79 16.90
CA THR B 88 -13.00 -2.92 16.58
C THR B 88 -13.62 -4.27 16.82
N LYS B 89 -14.19 -4.50 18.02
CA LYS B 89 -14.91 -5.77 18.29
C LYS B 89 -16.02 -6.10 17.30
N GLU B 90 -16.86 -5.10 16.98
CA GLU B 90 -17.96 -5.22 16.00
C GLU B 90 -17.44 -5.29 14.53
N SER B 91 -16.29 -4.66 14.26
CA SER B 91 -15.64 -4.70 12.93
C SER B 91 -15.06 -6.06 12.70
N LEU B 92 -14.18 -6.49 13.57
CA LEU B 92 -13.63 -7.84 13.45
C LEU B 92 -14.74 -8.82 13.30
N ALA B 93 -15.65 -8.87 14.27
CA ALA B 93 -16.69 -9.91 14.29
C ALA B 93 -17.40 -10.08 12.96
N PHE B 94 -17.76 -8.95 12.35
CA PHE B 94 -18.49 -8.93 11.10
C PHE B 94 -17.72 -9.63 10.00
N VAL B 95 -16.52 -9.10 9.78
CA VAL B 95 -15.52 -9.70 8.89
C VAL B 95 -15.33 -11.22 9.08
N GLN B 96 -15.10 -11.66 10.31
CA GLN B 96 -14.74 -13.09 10.60
C GLN B 96 -15.80 -14.17 10.17
N GLU B 97 -17.06 -13.78 10.14
CA GLU B 97 -18.09 -14.69 9.60
C GLU B 97 -17.82 -15.09 8.15
N TRP B 98 -17.24 -14.15 7.39
CA TRP B 98 -17.26 -14.16 5.95
C TRP B 98 -16.02 -14.74 5.27
N VAL B 99 -14.83 -14.51 5.85
CA VAL B 99 -13.59 -15.02 5.26
C VAL B 99 -12.78 -15.74 6.28
N PRO B 100 -12.12 -16.85 5.88
CA PRO B 100 -11.08 -17.39 6.71
C PRO B 100 -9.93 -16.40 6.90
N GLN B 101 -9.07 -16.73 7.85
CA GLN B 101 -8.12 -15.80 8.41
C GLN B 101 -6.92 -15.83 7.50
N GLY B 102 -6.44 -14.64 7.20
CA GLY B 102 -5.22 -14.52 6.39
C GLY B 102 -5.40 -14.87 4.94
N LYS B 103 -6.62 -14.70 4.44
CA LYS B 103 -6.96 -15.02 3.05
C LYS B 103 -7.10 -13.77 2.18
N SER B 104 -7.89 -12.84 2.63
CA SER B 104 -8.20 -11.65 1.90
C SER B 104 -7.14 -10.60 2.17
N PRO B 105 -6.66 -9.92 1.12
CA PRO B 105 -5.89 -8.73 1.38
C PRO B 105 -6.84 -7.68 1.93
N MET B 106 -6.32 -6.54 2.38
CA MET B 106 -7.14 -5.38 2.74
C MET B 106 -7.34 -4.58 1.46
N CYS B 107 -8.62 -4.34 1.13
CA CYS B 107 -8.99 -3.74 -0.16
C CYS B 107 -9.53 -2.37 -0.01
N GLY B 108 -9.15 -1.47 -0.92
CA GLY B 108 -9.61 -0.09 -0.92
C GLY B 108 -8.75 0.75 -1.83
N ASN B 109 -8.99 2.04 -1.86
CA ASN B 109 -8.18 3.02 -2.60
C ASN B 109 -7.16 3.56 -1.61
N SER B 110 -5.88 3.48 -1.94
CA SER B 110 -4.80 3.89 -1.04
C SER B 110 -4.95 3.27 0.37
N ILE B 111 -5.21 1.99 0.33
CA ILE B 111 -5.53 1.22 1.47
C ILE B 111 -4.37 1.10 2.43
N GLY B 112 -3.15 1.34 1.95
CA GLY B 112 -1.99 1.32 2.84
C GLY B 112 -2.00 2.44 3.89
N GLN B 113 -2.48 3.59 3.51
CA GLN B 113 -2.68 4.71 4.42
C GLN B 113 -3.63 4.25 5.54
N ASP B 114 -4.81 3.70 5.18
CA ASP B 114 -5.75 3.13 6.16
C ASP B 114 -5.18 2.02 6.99
N ARG B 115 -4.36 1.17 6.38
CA ARG B 115 -3.77 0.08 7.12
C ARG B 115 -2.78 0.53 8.21
N ARG B 116 -2.20 1.72 8.03
CA ARG B 116 -1.30 2.34 9.01
C ARG B 116 -2.07 2.63 10.27
N PHE B 117 -3.27 3.23 10.13
CA PHE B 117 -4.14 3.56 11.26
C PHE B 117 -4.75 2.32 11.86
N ILE B 118 -5.19 1.37 11.01
CA ILE B 118 -5.62 0.06 11.50
C ILE B 118 -4.51 -0.61 12.29
N ASN B 119 -3.25 -0.48 11.88
CA ASN B 119 -2.13 -1.30 12.46
C ASN B 119 -1.79 -0.86 13.90
N LYS B 120 -1.88 0.44 14.11
CA LYS B 120 -1.65 1.03 15.42
C LYS B 120 -2.87 0.91 16.32
N TYR B 121 -3.96 1.55 15.92
CA TYR B 121 -5.15 1.63 16.75
C TYR B 121 -6.02 0.37 16.84
N MET B 122 -6.21 -0.38 15.74
CA MET B 122 -7.08 -1.59 15.72
C MET B 122 -6.32 -2.90 15.45
N PRO B 123 -5.15 -3.12 16.10
CA PRO B 123 -4.20 -4.19 15.66
C PRO B 123 -4.66 -5.64 15.57
N ASP B 124 -5.82 -5.97 16.14
CA ASP B 124 -6.34 -7.36 16.15
C ASP B 124 -7.29 -7.62 14.96
N PHE B 125 -7.98 -6.58 14.52
CA PHE B 125 -8.75 -6.56 13.25
C PHE B 125 -7.82 -6.73 12.05
N GLU B 126 -6.68 -5.98 12.04
CA GLU B 126 -5.63 -6.12 11.04
C GLU B 126 -5.17 -7.55 10.92
N ASP B 127 -5.00 -8.21 12.06
CA ASP B 127 -4.46 -9.57 12.07
C ASP B 127 -5.29 -10.59 11.32
N HIS B 128 -6.57 -10.30 11.08
CA HIS B 128 -7.36 -11.22 10.27
C HIS B 128 -6.95 -11.25 8.76
N PHE B 129 -6.36 -10.15 8.27
CA PHE B 129 -6.14 -9.95 6.83
C PHE B 129 -4.87 -10.62 6.38
N HIS B 130 -4.77 -10.89 5.09
CA HIS B 130 -3.46 -11.26 4.46
C HIS B 130 -2.60 -10.00 4.61
N TYR B 131 -1.28 -10.16 4.73
CA TYR B 131 -0.32 -9.03 4.71
C TYR B 131 -0.42 -8.14 3.42
N ARG B 132 -1.01 -8.63 2.34
CA ARG B 132 -1.11 -7.82 1.11
C ARG B 132 -2.24 -6.85 1.10
N ASN B 133 -2.08 -5.81 0.30
CA ASN B 133 -3.16 -4.88 -0.02
C ASN B 133 -3.61 -5.12 -1.46
N LEU B 134 -4.88 -4.83 -1.69
CA LEU B 134 -5.49 -4.73 -2.99
C LEU B 134 -5.89 -3.26 -3.08
N ASP B 135 -4.97 -2.48 -3.61
CA ASP B 135 -5.11 -1.08 -3.74
C ASP B 135 -5.60 -0.72 -5.13
N VAL B 136 -6.83 -0.25 -5.18
CA VAL B 136 -7.49 0.11 -6.39
C VAL B 136 -6.74 1.29 -7.04
N SER B 137 -6.12 2.11 -6.22
CA SER B 137 -5.36 3.26 -6.75
C SER B 137 -4.06 2.88 -7.51
N THR B 138 -3.48 1.71 -7.24
CA THR B 138 -2.48 1.09 -8.14
C THR B 138 -3.02 0.97 -9.56
N ILE B 139 -4.21 0.44 -9.72
CA ILE B 139 -4.79 0.25 -11.07
C ILE B 139 -5.12 1.57 -11.75
N LYS B 140 -5.53 2.54 -10.94
CA LYS B 140 -5.78 3.89 -11.44
C LYS B 140 -4.53 4.49 -12.05
N GLU B 141 -3.40 4.38 -11.34
CA GLU B 141 -2.10 4.83 -11.82
C GLU B 141 -1.66 4.08 -13.10
N LEU B 142 -1.90 2.76 -13.16
CA LEU B 142 -1.63 2.07 -14.40
C LEU B 142 -2.56 2.56 -15.53
N ALA B 143 -3.83 2.78 -15.23
CA ALA B 143 -4.80 3.25 -16.22
C ALA B 143 -4.43 4.59 -16.76
N LYS B 144 -3.95 5.46 -15.88
CA LYS B 144 -3.54 6.81 -16.26
C LYS B 144 -2.42 6.78 -17.27
N ARG B 145 -1.54 5.79 -17.14
CA ARG B 145 -0.43 5.57 -18.08
C ARG B 145 -0.71 4.64 -19.28
N TRP B 146 -1.49 3.62 -19.10
CA TRP B 146 -1.63 2.65 -20.12
C TRP B 146 -2.91 2.83 -20.91
N LYS B 147 -4.04 3.21 -20.27
CA LYS B 147 -5.34 3.35 -20.99
C LYS B 147 -6.26 4.42 -20.37
N PRO B 148 -5.92 5.71 -20.59
CA PRO B 148 -6.56 6.67 -19.72
C PRO B 148 -7.98 6.99 -20.08
N GLU B 149 -8.45 6.64 -21.28
CA GLU B 149 -9.90 6.80 -21.56
C GLU B 149 -10.76 6.01 -20.63
N VAL B 150 -10.21 4.91 -20.14
CA VAL B 150 -10.90 4.11 -19.15
C VAL B 150 -11.35 4.99 -17.95
N LEU B 151 -10.55 5.98 -17.58
CA LEU B 151 -10.93 6.85 -16.47
C LEU B 151 -12.30 7.60 -16.71
N GLU B 152 -12.69 7.76 -17.97
CA GLU B 152 -14.01 8.33 -18.27
C GLU B 152 -15.13 7.59 -17.68
N SER B 153 -15.00 6.27 -17.45
CA SER B 153 -16.10 5.51 -16.90
C SER B 153 -16.18 5.42 -15.40
N VAL B 154 -15.16 5.96 -14.72
CA VAL B 154 -14.99 5.87 -13.28
C VAL B 154 -15.82 6.99 -12.60
N VAL B 155 -16.73 6.63 -11.69
CA VAL B 155 -17.56 7.63 -11.00
C VAL B 155 -16.85 8.20 -9.78
N LYS B 156 -16.73 9.54 -9.81
CA LYS B 156 -15.86 10.31 -8.93
C LYS B 156 -16.45 10.49 -7.53
N THR B 157 -17.68 11.00 -7.43
CA THR B 157 -18.36 11.18 -6.12
C THR B 157 -17.69 12.24 -5.22
N GLY B 158 -18.35 13.39 -5.06
CA GLY B 158 -17.85 14.45 -4.16
C GLY B 158 -17.72 14.10 -2.67
N ALA B 159 -18.53 13.15 -2.20
CA ALA B 159 -18.62 12.80 -0.75
C ALA B 159 -17.29 12.43 -0.12
N HIS B 160 -17.23 12.51 1.21
CA HIS B 160 -16.09 12.00 1.98
C HIS B 160 -16.62 11.37 3.25
N LEU B 161 -17.25 10.22 3.12
CA LEU B 161 -17.58 9.37 4.26
C LEU B 161 -17.34 7.90 3.91
N ALA B 162 -17.34 7.02 4.89
CA ALA B 162 -16.71 5.70 4.74
C ALA B 162 -17.45 4.68 3.85
N LEU B 163 -18.77 4.87 3.68
CA LEU B 163 -19.59 3.95 2.86
C LEU B 163 -19.67 4.46 1.42
N ASP B 164 -20.06 5.73 1.24
CA ASP B 164 -19.87 6.44 -0.04
C ASP B 164 -18.51 6.03 -0.65
N ASP B 165 -17.43 6.16 0.14
CA ASP B 165 -16.06 5.97 -0.36
C ASP B 165 -15.82 4.52 -0.75
N ILE B 166 -16.08 3.59 0.15
CA ILE B 166 -15.75 2.19 -0.10
C ILE B 166 -16.54 1.62 -1.26
N LYS B 167 -17.76 2.11 -1.39
CA LYS B 167 -18.69 1.68 -2.39
C LYS B 167 -18.12 2.21 -3.69
N GLU B 168 -17.66 3.47 -3.68
CA GLU B 168 -16.95 4.08 -4.81
C GLU B 168 -15.66 3.30 -5.30
N SER B 169 -14.97 2.63 -4.38
CA SER B 169 -13.75 1.86 -4.69
C SER B 169 -14.09 0.57 -5.37
N ILE B 170 -15.12 -0.10 -4.88
CA ILE B 170 -15.59 -1.38 -5.41
C ILE B 170 -16.01 -1.19 -6.85
N ALA B 171 -16.69 -0.08 -7.10
CA ALA B 171 -17.27 0.26 -8.37
C ALA B 171 -16.20 0.80 -9.34
N GLU B 172 -15.18 1.48 -8.84
CA GLU B 172 -14.00 1.75 -9.66
C GLU B 172 -13.39 0.42 -10.20
N LEU B 173 -13.12 -0.51 -9.30
CA LEU B 173 -12.48 -1.76 -9.66
C LEU B 173 -13.37 -2.57 -10.62
N LYS B 174 -14.68 -2.39 -10.52
CA LYS B 174 -15.61 -3.00 -11.47
C LYS B 174 -15.42 -2.51 -12.88
N VAL B 175 -15.29 -1.20 -13.03
CA VAL B 175 -15.03 -0.60 -14.29
C VAL B 175 -13.72 -1.13 -14.91
N TYR B 176 -12.67 -1.19 -14.10
CA TYR B 176 -11.38 -1.75 -14.57
C TYR B 176 -11.55 -3.22 -14.92
N ARG B 177 -12.34 -3.95 -14.13
CA ARG B 177 -12.58 -5.38 -14.42
C ARG B 177 -13.17 -5.52 -15.83
N GLU B 178 -14.04 -4.59 -16.19
CA GLU B 178 -14.70 -4.64 -17.48
C GLU B 178 -13.93 -4.05 -18.67
N LEU B 179 -13.17 -2.97 -18.51
CA LEU B 179 -12.58 -2.27 -19.65
C LEU B 179 -11.02 -2.24 -19.71
N PHE B 180 -10.36 -2.71 -18.66
CA PHE B 180 -8.92 -2.57 -18.54
C PHE B 180 -8.22 -3.89 -18.40
N PHE B 181 -8.87 -4.85 -17.75
CA PHE B 181 -8.32 -6.21 -17.63
C PHE B 181 -8.81 -7.08 -18.74
N LYS B 182 -8.03 -8.08 -19.09
CA LYS B 182 -8.37 -9.01 -20.14
C LYS B 182 -8.60 -10.37 -19.51
N LEU B 183 -9.85 -10.71 -19.24
CA LEU B 183 -10.20 -11.95 -18.53
C LEU B 183 -11.26 -12.75 -19.28
#